data_9LNJ
#
_entry.id   9LNJ
#
_cell.length_a   52.350
_cell.length_b   77.160
_cell.length_c   59.000
_cell.angle_alpha   90.00
_cell.angle_beta   93.30
_cell.angle_gamma   90.00
#
_symmetry.space_group_name_H-M   'P 1 21 1'
#
loop_
_entity.id
_entity.type
_entity.pdbx_description
1 polymer VANC21
2 polymer 'VANC21 binding DNA fragment (motif strand)'
3 polymer 'VANC21 binding DNA fragment (complementary strand)'
4 non-polymer 'ZINC ION'
5 water water
#
loop_
_entity_poly.entity_id
_entity_poly.type
_entity_poly.pdbx_seq_one_letter_code
_entity_poly.pdbx_strand_id
1 'polypeptide(L)'
;MGHHHHHHHHHHSSGENLYFQGSHAMQPLGMYFPASEYTKKMKLATRCYISEVLKTFADLEHPLTNVEKNYFMEHPSFKH
IYHLPSGYTHKLMGMWMLFLRTASIEKKKEVWFVVNGVPIRYGIREHALISGFNCKAYPANYQSAGNMNFANRYFKTGVI
RREDVKTKLMEMEPARSKDRLRMAVLYFLTSIIAVPTKTGERASPIDDFCVRAASDLTFCKTFPWGRYSFEYMLKSISHT
LDHFNGVVPNTQSPWPVPGFCVPLEFLAFEAIPSLRERFIEEKEGSHAGCPRMCKVSFKRTEMKGFTLEQINHVLGTTEV
IESIIREKAEEVPLLAEITGVEDDVDKHDVVVDSWMKRLGQGREIRFEEVYNEDVHARMEAPN
;
A
2 'polydeoxyribonucleotide' (3D1)(DC)(DC)(DA)(DG)(DT)(DA)(DT)(DT)(DA)(DC)(BRU)(BRU) B
3 'polydeoxyribonucleotide' (3D1)(DA)(DG)(DT)(DA)(DA)(DT)(DA)(DC)(DT)(DG)(DG)(BRU) C
#
# COMPACT_ATOMS: atom_id res chain seq x y z
N PHE A 20 -11.74 -17.99 25.04
CA PHE A 20 -10.98 -17.51 26.20
C PHE A 20 -11.78 -16.40 26.89
N GLN A 21 -11.88 -16.50 28.22
CA GLN A 21 -12.60 -15.50 28.99
C GLN A 21 -11.94 -14.13 28.84
N GLY A 22 -12.75 -13.08 28.83
CA GLY A 22 -12.27 -11.72 28.70
C GLY A 22 -13.34 -10.85 28.08
N SER A 23 -13.01 -9.55 27.97
CA SER A 23 -13.95 -8.60 27.36
C SER A 23 -14.29 -9.03 25.94
N HIS A 24 -15.56 -8.90 25.58
CA HIS A 24 -16.00 -9.39 24.30
C HIS A 24 -15.71 -8.37 23.20
N ALA A 25 -15.44 -8.88 22.01
CA ALA A 25 -15.37 -8.06 20.81
C ALA A 25 -16.76 -7.96 20.21
N MET A 26 -17.19 -6.75 19.88
CA MET A 26 -18.49 -6.58 19.23
C MET A 26 -18.38 -6.87 17.74
N GLN A 27 -19.45 -7.40 17.16
CA GLN A 27 -19.43 -7.61 15.72
C GLN A 27 -19.54 -6.26 15.01
N PRO A 28 -19.03 -6.17 13.78
CA PRO A 28 -19.06 -4.90 13.07
C PRO A 28 -20.49 -4.53 12.75
N LEU A 29 -20.73 -3.23 12.60
CA LEU A 29 -22.10 -2.81 12.35
C LEU A 29 -22.58 -3.28 10.97
N GLY A 30 -21.64 -3.58 10.07
CA GLY A 30 -21.98 -4.10 8.75
C GLY A 30 -20.70 -4.46 8.01
N MET A 31 -20.90 -5.12 6.86
CA MET A 31 -19.82 -5.42 5.93
C MET A 31 -20.14 -4.84 4.57
N TYR A 32 -19.10 -4.57 3.79
CA TYR A 32 -19.34 -3.93 2.50
C TYR A 32 -19.91 -4.92 1.49
N PHE A 33 -19.56 -6.18 1.61
CA PHE A 33 -20.04 -7.21 0.70
C PHE A 33 -20.58 -8.41 1.46
N PRO A 34 -21.58 -9.09 0.93
CA PRO A 34 -22.07 -10.32 1.54
C PRO A 34 -21.17 -11.47 1.09
N ALA A 35 -21.23 -12.57 1.84
CA ALA A 35 -20.36 -13.71 1.55
C ALA A 35 -20.64 -14.33 0.18
N SER A 36 -21.80 -14.05 -0.41
CA SER A 36 -22.08 -14.54 -1.75
C SER A 36 -21.02 -14.08 -2.74
N GLU A 37 -20.36 -12.94 -2.47
CA GLU A 37 -19.40 -12.35 -3.41
C GLU A 37 -17.97 -12.84 -3.23
N TYR A 38 -17.69 -13.65 -2.20
CA TYR A 38 -16.31 -14.08 -1.91
C TYR A 38 -15.66 -14.91 -3.02
N THR A 39 -16.42 -15.52 -3.91
CA THR A 39 -15.80 -16.28 -5.00
C THR A 39 -15.74 -15.49 -6.31
N LYS A 40 -16.21 -14.24 -6.35
CA LYS A 40 -16.26 -13.46 -7.59
C LYS A 40 -14.93 -12.78 -7.84
N LYS A 41 -14.28 -13.20 -8.89
CA LYS A 41 -12.99 -12.63 -9.23
C LYS A 41 -13.10 -11.32 -9.94
N MET A 42 -11.99 -10.64 -10.03
CA MET A 42 -11.97 -9.36 -10.65
C MET A 42 -10.56 -9.03 -11.10
N LYS A 43 -10.46 -8.33 -12.20
CA LYS A 43 -9.17 -7.88 -12.61
C LYS A 43 -9.01 -6.50 -11.97
N LEU A 44 -7.94 -6.33 -11.23
CA LEU A 44 -7.65 -5.05 -10.58
C LEU A 44 -6.45 -4.43 -11.24
N ALA A 45 -6.57 -3.17 -11.65
CA ALA A 45 -5.47 -2.47 -12.32
C ALA A 45 -4.75 -1.64 -11.28
N THR A 46 -3.44 -1.86 -11.12
CA THR A 46 -2.67 -1.02 -10.21
C THR A 46 -2.21 0.24 -10.91
N ARG A 47 -1.86 1.25 -10.09
CA ARG A 47 -1.15 2.45 -10.57
C ARG A 47 -0.01 2.65 -9.58
N CYS A 48 1.06 1.90 -9.78
CA CYS A 48 2.21 1.91 -8.89
C CYS A 48 3.39 1.37 -9.68
N TYR A 49 3.96 2.25 -10.51
CA TYR A 49 4.87 1.86 -11.59
C TYR A 49 6.30 1.65 -11.09
N ILE A 50 6.47 0.72 -10.14
CA ILE A 50 7.81 0.45 -9.62
C ILE A 50 8.76 -0.03 -10.70
N SER A 51 8.33 -1.05 -11.46
CA SER A 51 9.18 -1.58 -12.52
C SER A 51 9.50 -0.54 -13.59
N GLU A 52 8.50 0.23 -14.02
CA GLU A 52 8.75 1.24 -15.05
C GLU A 52 9.76 2.30 -14.58
N VAL A 53 9.60 2.80 -13.35
CA VAL A 53 10.49 3.86 -12.85
C VAL A 53 11.92 3.36 -12.77
N LEU A 54 12.11 2.16 -12.22
CA LEU A 54 13.47 1.63 -12.10
C LEU A 54 14.07 1.38 -13.48
N LYS A 55 13.27 0.89 -14.41
CA LYS A 55 13.76 0.67 -15.77
C LYS A 55 14.11 1.99 -16.44
N THR A 56 13.26 3.00 -16.29
CA THR A 56 13.53 4.31 -16.88
C THR A 56 14.84 4.87 -16.33
N PHE A 57 15.04 4.77 -15.01
CA PHE A 57 16.27 5.28 -14.41
C PHE A 57 17.49 4.56 -14.97
N ALA A 58 17.44 3.23 -15.08
CA ALA A 58 18.58 2.47 -15.59
C ALA A 58 18.87 2.72 -17.05
N ASP A 59 17.86 3.09 -17.86
CA ASP A 59 18.05 3.20 -19.31
C ASP A 59 18.21 4.62 -19.81
N LEU A 60 18.42 5.59 -18.92
CA LEU A 60 18.61 6.96 -19.40
C LEU A 60 19.86 6.99 -20.26
N GLU A 61 19.75 7.64 -21.44
CA GLU A 61 20.88 7.70 -22.36
C GLU A 61 22.07 8.38 -21.68
N HIS A 62 21.80 9.43 -20.87
CA HIS A 62 22.82 10.07 -20.05
C HIS A 62 22.57 9.47 -18.67
N PRO A 63 23.38 8.50 -18.22
CA PRO A 63 23.07 7.81 -16.98
C PRO A 63 23.05 8.69 -15.74
N LEU A 64 22.40 8.17 -14.71
CA LEU A 64 22.30 8.90 -13.46
C LEU A 64 23.69 9.05 -12.85
N THR A 65 23.93 10.21 -12.25
CA THR A 65 25.18 10.49 -11.56
C THR A 65 25.19 9.79 -10.22
N ASN A 66 26.38 9.76 -9.59
CA ASN A 66 26.44 9.20 -8.24
C ASN A 66 25.54 9.96 -7.30
N VAL A 67 25.54 11.30 -7.39
CA VAL A 67 24.68 12.06 -6.49
C VAL A 67 23.22 11.72 -6.77
N GLU A 68 22.85 11.66 -8.06
CA GLU A 68 21.46 11.32 -8.41
C GLU A 68 21.12 9.91 -7.93
N LYS A 69 22.00 8.93 -8.18
CA LYS A 69 21.68 7.57 -7.75
C LYS A 69 21.64 7.47 -6.23
N ASN A 70 22.53 8.15 -5.53
CA ASN A 70 22.51 8.00 -4.07
C ASN A 70 21.33 8.71 -3.45
N TYR A 71 20.85 9.78 -4.08
CA TYR A 71 19.64 10.41 -3.54
C TYR A 71 18.55 9.35 -3.34
N PHE A 72 18.38 8.44 -4.31
CA PHE A 72 17.32 7.44 -4.22
C PHE A 72 17.77 6.21 -3.43
N MET A 73 19.01 5.74 -3.65
CA MET A 73 19.49 4.54 -2.98
C MET A 73 19.73 4.74 -1.49
N GLU A 74 19.83 5.99 -1.04
CA GLU A 74 20.02 6.34 0.37
C GLU A 74 18.87 7.16 0.92
N HIS A 75 17.77 7.26 0.19
CA HIS A 75 16.63 8.04 0.66
C HIS A 75 16.00 7.36 1.87
N PRO A 76 15.70 8.11 2.95
CA PRO A 76 15.14 7.48 4.16
C PRO A 76 13.99 6.54 3.89
N SER A 77 13.09 6.90 2.97
CA SER A 77 11.96 6.05 2.59
C SER A 77 12.26 5.22 1.34
N PHE A 78 12.65 5.88 0.26
CA PHE A 78 12.65 5.25 -1.06
C PHE A 78 13.84 4.33 -1.30
N LYS A 79 14.77 4.21 -0.35
CA LYS A 79 15.83 3.25 -0.53
C LYS A 79 15.27 1.83 -0.59
N HIS A 80 14.16 1.58 0.11
CA HIS A 80 13.57 0.25 0.15
C HIS A 80 12.95 -0.15 -1.18
N ILE A 81 12.60 0.80 -2.05
CA ILE A 81 12.11 0.39 -3.37
C ILE A 81 13.20 -0.40 -4.11
N TYR A 82 14.48 -0.14 -3.81
CA TYR A 82 15.59 -0.87 -4.43
C TYR A 82 15.83 -2.25 -3.83
N HIS A 83 15.23 -2.56 -2.70
CA HIS A 83 15.37 -3.90 -2.14
C HIS A 83 14.33 -4.87 -2.68
N LEU A 84 13.46 -4.41 -3.59
CA LEU A 84 12.43 -5.21 -4.25
C LEU A 84 13.01 -5.91 -5.47
N PRO A 85 12.40 -7.03 -5.88
CA PRO A 85 12.88 -7.73 -7.08
C PRO A 85 12.78 -6.84 -8.31
N SER A 86 13.74 -7.03 -9.23
CA SER A 86 13.69 -6.28 -10.48
C SER A 86 12.48 -6.74 -11.28
N GLY A 87 11.91 -5.83 -12.07
CA GLY A 87 10.70 -6.19 -12.80
C GLY A 87 9.53 -6.49 -11.88
N TYR A 88 9.41 -5.74 -10.80
CA TYR A 88 8.37 -5.99 -9.80
C TYR A 88 6.98 -6.07 -10.43
N THR A 89 6.25 -7.15 -10.15
CA THR A 89 4.90 -7.37 -10.67
C THR A 89 3.96 -7.51 -9.48
N HIS A 90 2.91 -6.68 -9.44
CA HIS A 90 1.99 -6.78 -8.31
C HIS A 90 1.13 -8.05 -8.40
N LYS A 91 0.80 -8.62 -7.24
CA LYS A 91 -0.09 -9.78 -7.14
C LYS A 91 -1.23 -9.31 -6.25
N LEU A 92 -2.45 -9.33 -6.79
CA LEU A 92 -3.58 -8.63 -6.15
C LEU A 92 -4.69 -9.45 -5.55
N MET A 93 -4.75 -10.77 -5.74
CA MET A 93 -5.90 -11.52 -5.22
C MET A 93 -5.91 -11.58 -3.69
N GLY A 94 -4.78 -11.41 -3.02
CA GLY A 94 -4.80 -11.31 -1.56
C GLY A 94 -5.52 -10.03 -1.13
N MET A 95 -5.21 -8.93 -1.79
CA MET A 95 -5.88 -7.67 -1.51
C MET A 95 -7.37 -7.70 -1.82
N TRP A 96 -7.73 -8.37 -2.88
CA TRP A 96 -9.12 -8.47 -3.27
C TRP A 96 -9.86 -9.30 -2.22
N MET A 97 -9.25 -10.39 -1.82
CA MET A 97 -9.88 -11.21 -0.78
C MET A 97 -10.15 -10.34 0.45
N LEU A 98 -9.20 -9.48 0.83
CA LEU A 98 -9.43 -8.57 1.97
C LEU A 98 -10.50 -7.55 1.66
N PHE A 99 -10.45 -6.95 0.46
CA PHE A 99 -11.45 -5.95 0.08
C PHE A 99 -12.85 -6.50 0.22
N LEU A 100 -13.07 -7.76 -0.18
CA LEU A 100 -14.38 -8.37 -0.11
C LEU A 100 -14.87 -8.50 1.33
N ARG A 101 -13.94 -8.48 2.28
CA ARG A 101 -14.27 -8.64 3.69
C ARG A 101 -14.08 -7.35 4.50
N THR A 102 -14.12 -6.20 3.83
CA THR A 102 -13.94 -4.94 4.54
C THR A 102 -15.13 -4.72 5.46
N ALA A 103 -14.86 -4.39 6.71
CA ALA A 103 -15.90 -4.10 7.69
C ALA A 103 -16.33 -2.64 7.58
N SER A 104 -17.61 -2.40 7.81
CA SER A 104 -18.15 -1.04 7.93
C SER A 104 -17.92 -0.54 9.36
N ILE A 105 -17.08 0.48 9.52
CA ILE A 105 -16.69 0.98 10.84
C ILE A 105 -16.79 2.50 10.81
N GLU A 106 -16.52 3.13 11.96
CA GLU A 106 -16.55 4.60 12.06
C GLU A 106 -15.19 5.25 11.80
N LYS A 107 -14.09 4.57 12.15
CA LYS A 107 -12.77 5.14 11.94
C LYS A 107 -12.59 5.52 10.47
N LYS A 108 -11.81 6.58 10.23
CA LYS A 108 -11.46 7.00 8.87
C LYS A 108 -9.98 6.84 8.56
N LYS A 109 -9.13 6.66 9.57
CA LYS A 109 -7.68 6.61 9.35
C LYS A 109 -7.14 5.19 9.36
N GLU A 110 -8.02 4.18 9.31
CA GLU A 110 -7.59 2.79 9.29
C GLU A 110 -8.76 1.99 8.76
N VAL A 111 -8.45 0.83 8.18
CA VAL A 111 -9.42 -0.08 7.60
CA VAL A 111 -9.45 -0.06 7.63
C VAL A 111 -9.24 -1.44 8.27
N TRP A 112 -10.34 -2.18 8.40
CA TRP A 112 -10.28 -3.52 8.96
C TRP A 112 -10.98 -4.49 8.04
N PHE A 113 -10.39 -5.68 7.87
CA PHE A 113 -10.92 -6.75 7.02
C PHE A 113 -11.16 -7.98 7.87
N VAL A 114 -12.35 -8.57 7.77
CA VAL A 114 -12.73 -9.70 8.63
C VAL A 114 -12.59 -10.99 7.81
N VAL A 115 -11.49 -11.71 8.02
CA VAL A 115 -11.20 -12.97 7.33
C VAL A 115 -11.45 -14.14 8.26
N ASN A 116 -12.25 -15.11 7.82
CA ASN A 116 -12.62 -16.26 8.66
C ASN A 116 -13.04 -15.81 10.05
N GLY A 117 -13.88 -14.77 10.07
CA GLY A 117 -14.37 -14.20 11.31
C GLY A 117 -13.36 -13.42 12.14
N VAL A 118 -12.15 -13.16 11.62
CA VAL A 118 -11.08 -12.54 12.40
C VAL A 118 -10.73 -11.18 11.79
N PRO A 119 -10.91 -10.08 12.53
CA PRO A 119 -10.59 -8.74 12.01
C PRO A 119 -9.10 -8.52 11.85
N ILE A 120 -8.69 -8.07 10.66
CA ILE A 120 -7.30 -7.73 10.39
C ILE A 120 -7.26 -6.24 10.11
N ARG A 121 -6.29 -5.53 10.71
CA ARG A 121 -6.22 -4.08 10.58
C ARG A 121 -5.17 -3.63 9.58
N TYR A 122 -5.55 -2.71 8.72
CA TYR A 122 -4.62 -1.99 7.87
C TYR A 122 -4.61 -0.55 8.37
N GLY A 123 -3.63 -0.21 9.22
CA GLY A 123 -3.43 1.14 9.67
C GLY A 123 -2.07 1.67 9.27
N ILE A 124 -1.83 2.94 9.62
CA ILE A 124 -0.55 3.52 9.23
CA ILE A 124 -0.55 3.54 9.26
C ILE A 124 0.62 2.73 9.82
N ARG A 125 0.42 2.08 10.98
CA ARG A 125 1.50 1.27 11.54
C ARG A 125 1.84 0.10 10.63
N GLU A 126 0.82 -0.59 10.13
CA GLU A 126 1.06 -1.71 9.22
C GLU A 126 1.65 -1.24 7.90
N HIS A 127 1.18 -0.11 7.39
CA HIS A 127 1.77 0.47 6.18
C HIS A 127 3.27 0.71 6.37
N ALA A 128 3.68 1.16 7.56
CA ALA A 128 5.09 1.41 7.84
C ALA A 128 5.86 0.11 8.01
N LEU A 129 5.27 -0.86 8.72
CA LEU A 129 5.98 -2.10 8.98
C LEU A 129 6.34 -2.83 7.69
N ILE A 130 5.47 -2.77 6.70
CA ILE A 130 5.72 -3.47 5.44
C ILE A 130 6.56 -2.64 4.46
N SER A 131 6.30 -1.33 4.36
CA SER A 131 7.00 -0.48 3.38
C SER A 131 8.31 0.11 3.89
N GLY A 132 8.41 0.40 5.19
CA GLY A 132 9.55 1.12 5.69
C GLY A 132 9.51 2.62 5.42
N PHE A 133 8.47 3.12 4.78
CA PHE A 133 8.40 4.54 4.48
C PHE A 133 8.16 5.35 5.76
N ASN A 134 8.66 6.59 5.76
CA ASN A 134 8.48 7.49 6.90
C ASN A 134 7.00 7.77 7.09
N CYS A 135 6.46 7.36 8.23
CA CYS A 135 5.07 7.59 8.54
C CYS A 135 4.86 8.47 9.77
N LYS A 136 5.83 9.31 10.06
CA LYS A 136 5.68 10.25 11.15
C LYS A 136 4.68 11.32 10.78
N ALA A 137 4.40 12.20 11.72
CA ALA A 137 3.43 13.23 11.48
C ALA A 137 3.88 14.28 10.48
N TYR A 138 2.92 14.88 9.79
CA TYR A 138 3.26 15.90 8.81
C TYR A 138 3.95 17.07 9.50
N PRO A 139 5.01 17.62 8.91
CA PRO A 139 5.61 18.85 9.47
C PRO A 139 4.62 20.00 9.35
N ALA A 140 4.90 21.06 10.10
CA ALA A 140 3.93 22.15 10.21
C ALA A 140 3.81 22.90 8.89
N ASN A 141 2.57 23.10 8.44
CA ASN A 141 2.24 23.76 7.18
C ASN A 141 3.07 23.17 6.04
N TYR A 142 3.03 21.85 5.93
CA TYR A 142 3.76 21.14 4.88
C TYR A 142 3.20 21.46 3.51
N GLN A 143 1.93 21.87 3.43
CA GLN A 143 1.30 22.12 2.14
C GLN A 143 1.88 23.31 1.43
N SER A 144 2.64 24.15 2.14
CA SER A 144 3.32 25.30 1.57
C SER A 144 4.72 24.99 1.08
N ALA A 145 5.15 23.73 1.13
CA ALA A 145 6.51 23.39 0.77
C ALA A 145 6.76 23.55 -0.73
N GLY A 146 8.02 23.83 -1.06
CA GLY A 146 8.35 24.01 -2.47
C GLY A 146 7.68 25.24 -3.08
N ASN A 147 7.67 25.26 -4.41
CA ASN A 147 7.12 26.34 -5.21
C ASN A 147 7.05 25.87 -6.64
N MET A 148 6.41 26.67 -7.50
CA MET A 148 6.18 26.30 -8.88
C MET A 148 7.34 26.67 -9.80
N ASN A 149 8.44 27.20 -9.26
CA ASN A 149 9.55 27.69 -10.08
C ASN A 149 10.13 26.57 -10.94
N PHE A 150 10.45 25.43 -10.32
CA PHE A 150 11.05 24.32 -11.04
C PHE A 150 10.15 23.83 -12.17
N ALA A 151 8.87 23.59 -11.87
CA ALA A 151 7.97 23.09 -12.90
C ALA A 151 7.79 24.11 -14.02
N ASN A 152 7.74 25.39 -13.67
CA ASN A 152 7.56 26.42 -14.70
C ASN A 152 8.75 26.52 -15.64
N ARG A 153 9.90 25.95 -15.28
CA ARG A 153 11.05 25.95 -16.16
C ARG A 153 10.94 24.92 -17.27
N TYR A 154 10.05 23.92 -17.15
CA TYR A 154 10.00 22.83 -18.11
C TYR A 154 8.62 22.52 -18.68
N PHE A 155 7.53 22.94 -18.03
CA PHE A 155 6.17 22.64 -18.49
C PHE A 155 5.35 23.88 -18.75
N LYS A 156 4.76 23.94 -19.95
CA LYS A 156 3.85 25.02 -20.28
C LYS A 156 2.72 25.06 -19.25
N THR A 157 2.07 26.23 -19.15
CA THR A 157 0.98 26.34 -18.19
C THR A 157 -0.13 25.40 -18.63
N GLY A 158 -0.77 24.75 -17.68
CA GLY A 158 -1.76 23.77 -18.05
C GLY A 158 -1.56 22.43 -17.35
N VAL A 159 -2.01 21.36 -17.97
CA VAL A 159 -1.99 20.04 -17.35
C VAL A 159 -0.63 19.37 -17.55
N ILE A 160 -0.06 18.85 -16.46
CA ILE A 160 1.15 18.03 -16.51
C ILE A 160 0.70 16.59 -16.29
N ARG A 161 0.97 15.72 -17.25
CA ARG A 161 0.66 14.31 -17.14
C ARG A 161 1.88 13.54 -16.66
N ARG A 162 1.63 12.36 -16.07
CA ARG A 162 2.73 11.52 -15.60
C ARG A 162 3.72 11.22 -16.72
N GLU A 163 3.20 10.93 -17.93
CA GLU A 163 4.08 10.64 -19.07
C GLU A 163 4.88 11.86 -19.51
N ASP A 164 4.34 13.08 -19.33
CA ASP A 164 5.12 14.28 -19.67
C ASP A 164 6.35 14.40 -18.77
N VAL A 165 6.23 14.03 -17.48
CA VAL A 165 7.38 14.06 -16.58
C VAL A 165 8.39 13.00 -17.00
N LYS A 166 7.92 11.80 -17.33
CA LYS A 166 8.82 10.76 -17.84
C LYS A 166 9.53 11.23 -19.10
N THR A 167 8.78 11.81 -20.03
CA THR A 167 9.38 12.24 -21.28
C THR A 167 10.41 13.33 -21.04
N LYS A 168 10.04 14.31 -20.22
CA LYS A 168 10.98 15.39 -19.92
C LYS A 168 12.25 14.87 -19.26
N LEU A 169 12.11 13.91 -18.34
CA LEU A 169 13.27 13.33 -17.65
C LEU A 169 14.22 12.69 -18.66
N MET A 170 13.69 11.94 -19.62
CA MET A 170 14.55 11.26 -20.58
C MET A 170 15.15 12.22 -21.59
N GLU A 171 14.56 13.40 -21.79
CA GLU A 171 15.03 14.37 -22.79
C GLU A 171 15.87 15.51 -22.21
N MET A 172 16.05 15.54 -20.89
CA MET A 172 16.86 16.55 -20.21
C MET A 172 18.34 16.17 -20.28
N GLU A 173 19.19 17.19 -20.20
CA GLU A 173 20.63 16.94 -20.18
C GLU A 173 21.18 17.08 -18.78
N PRO A 174 21.78 16.05 -18.18
CA PRO A 174 22.42 16.23 -16.87
C PRO A 174 23.45 17.34 -16.94
N ALA A 175 23.52 18.13 -15.88
CA ALA A 175 24.36 19.32 -15.85
C ALA A 175 24.34 19.85 -14.43
N ARG A 176 25.20 20.83 -14.17
CA ARG A 176 25.40 21.41 -12.84
C ARG A 176 24.17 21.47 -11.93
N SER A 177 23.06 22.09 -12.37
CA SER A 177 21.92 22.19 -11.46
C SER A 177 21.35 20.80 -11.21
N LYS A 178 20.58 20.67 -10.14
CA LYS A 178 19.94 19.40 -9.80
C LYS A 178 18.53 19.27 -10.41
N ASP A 179 18.19 20.11 -11.40
CA ASP A 179 16.85 20.04 -12.01
C ASP A 179 16.52 18.65 -12.52
N ARG A 180 17.51 17.93 -13.07
CA ARG A 180 17.18 16.58 -13.52
C ARG A 180 16.80 15.70 -12.34
N LEU A 181 17.55 15.81 -11.24
CA LEU A 181 17.19 15.06 -10.04
C LEU A 181 15.78 15.44 -9.58
N ARG A 182 15.43 16.73 -9.65
CA ARG A 182 14.08 17.15 -9.28
C ARG A 182 13.03 16.46 -10.17
N MET A 183 13.32 16.34 -11.47
CA MET A 183 12.37 15.70 -12.38
C MET A 183 12.24 14.23 -12.07
N ALA A 184 13.34 13.58 -11.76
CA ALA A 184 13.33 12.18 -11.40
C ALA A 184 12.53 11.97 -10.14
N VAL A 185 12.71 12.86 -9.16
CA VAL A 185 11.92 12.81 -7.93
C VAL A 185 10.43 13.01 -8.24
N LEU A 186 10.12 13.99 -9.09
CA LEU A 186 8.71 14.17 -9.45
C LEU A 186 8.16 12.93 -10.11
N TYR A 187 8.95 12.31 -11.00
CA TYR A 187 8.49 11.11 -11.70
C TYR A 187 8.27 9.98 -10.71
N PHE A 188 9.20 9.79 -9.78
CA PHE A 188 9.07 8.76 -8.76
C PHE A 188 7.83 8.97 -7.91
N LEU A 189 7.63 10.21 -7.42
CA LEU A 189 6.48 10.52 -6.56
C LEU A 189 5.16 10.26 -7.26
N THR A 190 5.03 10.71 -8.51
CA THR A 190 3.72 10.64 -9.16
C THR A 190 3.51 9.34 -9.91
N SER A 191 4.46 8.42 -9.85
CA SER A 191 4.30 7.08 -10.39
C SER A 191 4.21 6.02 -9.31
N ILE A 192 4.66 6.30 -8.08
CA ILE A 192 4.71 5.31 -7.01
CA ILE A 192 4.70 5.30 -7.02
C ILE A 192 3.87 5.72 -5.80
N ILE A 193 3.84 7.02 -5.50
CA ILE A 193 3.33 7.49 -4.21
C ILE A 193 1.91 8.03 -4.32
N ALA A 194 1.68 8.97 -5.23
CA ALA A 194 0.37 9.58 -5.46
C ALA A 194 0.19 9.59 -6.97
N VAL A 195 -0.62 8.66 -7.48
CA VAL A 195 -0.53 8.23 -8.87
C VAL A 195 -1.89 8.36 -9.56
N PRO A 196 -1.93 8.97 -10.75
CA PRO A 196 -3.22 9.18 -11.43
C PRO A 196 -3.85 7.89 -11.95
N THR A 197 -5.18 7.89 -12.02
CA THR A 197 -5.88 6.74 -12.58
C THR A 197 -5.89 6.76 -14.10
N LYS A 198 -6.34 7.84 -14.69
CA LYS A 198 -6.53 7.85 -16.13
C LYS A 198 -5.18 8.07 -16.82
N THR A 199 -4.95 7.37 -17.95
CA THR A 199 -3.70 7.46 -18.72
C THR A 199 -4.00 7.94 -20.13
N GLY A 200 -2.96 7.99 -20.95
CA GLY A 200 -3.13 8.27 -22.36
C GLY A 200 -3.14 9.75 -22.69
N GLU A 201 -3.79 10.05 -23.82
CA GLU A 201 -3.72 11.42 -24.32
C GLU A 201 -4.40 12.38 -23.34
N ARG A 202 -5.46 11.94 -22.69
CA ARG A 202 -6.17 12.76 -21.71
C ARG A 202 -5.91 12.29 -20.29
N ALA A 203 -4.65 11.93 -19.99
CA ALA A 203 -4.33 11.44 -18.65
C ALA A 203 -4.64 12.54 -17.63
N SER A 204 -4.99 12.11 -16.43
CA SER A 204 -5.31 13.03 -15.36
C SER A 204 -4.09 13.83 -14.90
N PRO A 205 -4.27 15.09 -14.49
CA PRO A 205 -3.13 15.88 -13.99
C PRO A 205 -2.48 15.22 -12.77
N ILE A 206 -1.14 15.26 -12.71
CA ILE A 206 -0.45 14.69 -11.54
C ILE A 206 -0.68 15.54 -10.31
N ASP A 207 -0.38 14.97 -9.15
CA ASP A 207 -0.63 15.60 -7.86
C ASP A 207 0.09 16.94 -7.73
N ASP A 208 -0.70 17.99 -7.47
CA ASP A 208 -0.18 19.36 -7.40
C ASP A 208 0.84 19.56 -6.29
N PHE A 209 0.61 18.98 -5.11
CA PHE A 209 1.60 19.07 -4.04
C PHE A 209 2.94 18.46 -4.45
N CYS A 210 2.91 17.28 -5.08
CA CYS A 210 4.16 16.65 -5.53
C CYS A 210 4.91 17.54 -6.51
N VAL A 211 4.21 18.21 -7.43
CA VAL A 211 4.85 19.13 -8.37
C VAL A 211 5.60 20.24 -7.64
N ARG A 212 5.01 20.81 -6.59
CA ARG A 212 5.72 21.85 -5.85
C ARG A 212 6.82 21.25 -4.97
N ALA A 213 6.51 20.14 -4.28
CA ALA A 213 7.46 19.55 -3.36
C ALA A 213 8.76 19.13 -4.05
N ALA A 214 8.66 18.62 -5.29
CA ALA A 214 9.84 18.15 -6.01
C ALA A 214 10.87 19.25 -6.23
N SER A 215 10.46 20.52 -6.13
CA SER A 215 11.42 21.60 -6.27
C SER A 215 12.42 21.64 -5.12
N ASP A 216 12.13 21.00 -3.98
CA ASP A 216 12.95 21.10 -2.77
C ASP A 216 13.44 19.70 -2.40
N LEU A 217 14.67 19.38 -2.80
CA LEU A 217 15.17 18.02 -2.61
C LEU A 217 15.36 17.68 -1.14
N THR A 218 15.70 18.67 -0.32
CA THR A 218 15.86 18.42 1.10
C THR A 218 14.52 18.08 1.75
N PHE A 219 13.49 18.91 1.49
CA PHE A 219 12.15 18.59 1.96
C PHE A 219 11.71 17.20 1.52
N CYS A 220 12.00 16.82 0.30
CA CYS A 220 11.55 15.54 -0.21
C CYS A 220 12.23 14.35 0.46
N LYS A 221 13.37 14.60 1.09
CA LYS A 221 14.10 13.53 1.74
C LYS A 221 13.54 13.23 3.12
N THR A 222 12.94 14.20 3.77
CA THR A 222 12.46 14.04 5.13
C THR A 222 10.95 13.96 5.31
N PHE A 223 10.20 14.32 4.29
CA PHE A 223 8.75 14.35 4.37
C PHE A 223 8.22 12.93 4.56
N PRO A 224 7.19 12.75 5.39
CA PRO A 224 6.62 11.40 5.57
C PRO A 224 5.84 10.90 4.35
N TRP A 225 6.56 10.41 3.33
CA TRP A 225 5.87 9.87 2.17
C TRP A 225 5.09 8.61 2.49
N GLY A 226 5.43 7.93 3.59
CA GLY A 226 4.61 6.81 4.06
C GLY A 226 3.21 7.24 4.44
N ARG A 227 3.09 8.33 5.20
CA ARG A 227 1.77 8.85 5.54
C ARG A 227 1.02 9.30 4.29
N TYR A 228 1.70 10.04 3.41
CA TYR A 228 1.07 10.52 2.18
C TYR A 228 0.58 9.38 1.30
N SER A 229 1.43 8.38 1.05
CA SER A 229 0.95 7.24 0.26
C SER A 229 -0.15 6.49 0.99
N PHE A 230 -0.09 6.42 2.32
CA PHE A 230 -1.14 5.73 3.07
C PHE A 230 -2.48 6.44 2.91
N GLU A 231 -2.49 7.77 3.12
CA GLU A 231 -3.73 8.52 2.94
C GLU A 231 -4.26 8.40 1.51
N TYR A 232 -3.37 8.36 0.52
CA TYR A 232 -3.84 8.19 -0.85
C TYR A 232 -4.47 6.81 -1.04
N MET A 233 -3.87 5.78 -0.43
CA MET A 233 -4.42 4.42 -0.52
C MET A 233 -5.78 4.31 0.18
N LEU A 234 -5.95 5.03 1.30
CA LEU A 234 -7.25 5.08 1.95
C LEU A 234 -8.31 5.64 1.01
N LYS A 235 -7.97 6.66 0.23
CA LYS A 235 -8.90 7.20 -0.77
C LYS A 235 -9.26 6.16 -1.81
N SER A 236 -8.28 5.40 -2.30
CA SER A 236 -8.57 4.40 -3.32
C SER A 236 -9.46 3.29 -2.78
N ILE A 237 -9.23 2.90 -1.53
CA ILE A 237 -10.07 1.89 -0.89
C ILE A 237 -11.52 2.37 -0.83
N SER A 238 -11.74 3.60 -0.34
CA SER A 238 -13.09 4.15 -0.26
C SER A 238 -13.72 4.25 -1.65
N HIS A 239 -12.97 4.74 -2.65
CA HIS A 239 -13.53 4.84 -3.99
C HIS A 239 -13.90 3.46 -4.53
N THR A 240 -13.06 2.45 -4.23
CA THR A 240 -13.32 1.09 -4.70
C THR A 240 -14.59 0.54 -4.07
N LEU A 241 -14.72 0.69 -2.74
CA LEU A 241 -15.91 0.18 -2.07
C LEU A 241 -17.17 0.89 -2.54
N ASP A 242 -17.12 2.22 -2.72
CA ASP A 242 -18.28 2.97 -3.25
C ASP A 242 -18.65 2.46 -4.64
N HIS A 243 -17.63 2.21 -5.46
CA HIS A 243 -17.85 1.77 -6.82
C HIS A 243 -18.64 0.47 -6.89
N PHE A 244 -18.23 -0.53 -6.12
CA PHE A 244 -18.90 -1.82 -6.22
C PHE A 244 -20.24 -1.83 -5.50
N ASN A 245 -20.38 -1.02 -4.45
CA ASN A 245 -21.64 -0.91 -3.72
C ASN A 245 -22.22 -2.27 -3.34
N GLY A 246 -21.38 -3.18 -2.86
CA GLY A 246 -21.86 -4.46 -2.38
C GLY A 246 -21.97 -5.59 -3.40
N VAL A 247 -21.79 -5.32 -4.69
CA VAL A 247 -21.95 -6.36 -5.70
C VAL A 247 -20.74 -6.37 -6.61
N VAL A 248 -20.27 -7.56 -6.95
CA VAL A 248 -19.13 -7.73 -7.84
C VAL A 248 -19.70 -8.16 -9.19
N PRO A 249 -19.54 -7.36 -10.23
CA PRO A 249 -20.07 -7.74 -11.55
C PRO A 249 -19.23 -8.85 -12.19
N ASN A 250 -19.85 -9.58 -13.12
CA ASN A 250 -19.17 -10.62 -13.89
C ASN A 250 -18.61 -9.90 -15.12
N THR A 251 -17.37 -9.44 -15.03
CA THR A 251 -16.78 -8.66 -16.11
C THR A 251 -15.29 -8.93 -16.28
N GLN A 252 -14.81 -8.75 -17.51
CA GLN A 252 -13.38 -8.82 -17.73
C GLN A 252 -12.74 -7.44 -17.73
N SER A 253 -13.52 -6.40 -17.45
CA SER A 253 -12.98 -5.03 -17.46
C SER A 253 -12.31 -4.74 -16.13
N PRO A 254 -11.03 -4.34 -16.12
CA PRO A 254 -10.31 -4.13 -14.87
C PRO A 254 -10.75 -2.87 -14.11
N TRP A 255 -10.69 -2.96 -12.78
CA TRP A 255 -11.01 -1.82 -11.93
C TRP A 255 -9.72 -1.25 -11.32
N PRO A 256 -9.39 0.04 -11.55
CA PRO A 256 -8.13 0.59 -11.02
C PRO A 256 -8.18 0.88 -9.52
N VAL A 257 -7.09 0.50 -8.84
CA VAL A 257 -6.90 0.76 -7.41
C VAL A 257 -5.55 1.45 -7.28
N PRO A 258 -5.48 2.76 -7.51
CA PRO A 258 -4.20 3.44 -7.65
C PRO A 258 -3.48 3.72 -6.33
N GLY A 259 -2.16 3.84 -6.43
CA GLY A 259 -1.33 4.19 -5.28
C GLY A 259 -0.42 3.06 -4.84
N PHE A 260 0.28 3.31 -3.73
CA PHE A 260 1.32 2.38 -3.26
C PHE A 260 0.62 1.21 -2.56
N CYS A 261 0.36 0.15 -3.32
CA CYS A 261 -0.49 -0.93 -2.83
C CYS A 261 0.31 -2.10 -2.26
N VAL A 262 1.64 -1.98 -2.20
CA VAL A 262 2.47 -3.10 -1.76
C VAL A 262 2.11 -3.56 -0.35
N PRO A 263 1.94 -2.68 0.64
CA PRO A 263 1.51 -3.18 1.95
C PRO A 263 0.21 -3.98 1.88
N LEU A 264 -0.78 -3.51 1.10
CA LEU A 264 -2.04 -4.23 0.95
C LEU A 264 -1.87 -5.57 0.23
N GLU A 265 -0.98 -5.63 -0.74
CA GLU A 265 -0.74 -6.88 -1.45
C GLU A 265 -0.23 -7.94 -0.51
N PHE A 266 0.64 -7.55 0.43
CA PHE A 266 1.26 -8.50 1.33
C PHE A 266 0.52 -8.68 2.66
N LEU A 267 -0.39 -7.78 3.01
CA LEU A 267 -1.02 -7.84 4.34
C LEU A 267 -1.62 -9.22 4.66
N ALA A 268 -2.46 -9.76 3.78
CA ALA A 268 -3.09 -11.04 4.08
C ALA A 268 -2.06 -12.13 4.36
N PHE A 269 -0.97 -12.14 3.60
CA PHE A 269 0.06 -13.16 3.73
C PHE A 269 0.83 -13.00 5.03
N GLU A 270 1.04 -11.75 5.45
CA GLU A 270 1.75 -11.53 6.71
C GLU A 270 0.88 -11.89 7.91
N ALA A 271 -0.45 -11.80 7.75
CA ALA A 271 -1.32 -12.03 8.90
C ALA A 271 -1.83 -13.46 8.99
N ILE A 272 -1.73 -14.24 7.92
CA ILE A 272 -2.30 -15.58 7.91
C ILE A 272 -1.25 -16.61 7.54
N PRO A 273 -0.78 -17.37 8.52
CA PRO A 273 0.28 -18.38 8.28
C PRO A 273 -0.01 -19.37 7.16
N SER A 274 -1.25 -19.82 7.00
CA SER A 274 -1.55 -20.74 5.91
C SER A 274 -1.24 -20.11 4.55
N LEU A 275 -1.54 -18.82 4.38
CA LEU A 275 -1.21 -18.14 3.13
C LEU A 275 0.29 -17.89 3.01
N ARG A 276 0.92 -17.42 4.08
CA ARG A 276 2.36 -17.14 4.05
C ARG A 276 3.15 -18.40 3.69
N GLU A 277 2.80 -19.54 4.32
CA GLU A 277 3.54 -20.77 4.09
C GLU A 277 3.43 -21.23 2.64
N ARG A 278 2.28 -21.01 2.02
CA ARG A 278 2.11 -21.52 0.66
C ARG A 278 2.51 -20.53 -0.42
N PHE A 279 2.47 -19.25 -0.11
CA PHE A 279 2.72 -18.28 -1.15
C PHE A 279 3.87 -17.31 -0.93
N ILE A 280 4.51 -17.33 0.23
CA ILE A 280 5.59 -16.39 0.53
C ILE A 280 6.87 -17.17 0.79
N GLU A 281 8.00 -16.59 0.37
CA GLU A 281 9.31 -17.17 0.64
C GLU A 281 10.25 -16.07 1.09
N GLU A 282 11.23 -16.45 1.93
CA GLU A 282 12.19 -15.50 2.44
C GLU A 282 13.14 -15.07 1.33
N LYS A 283 13.50 -13.80 1.34
CA LYS A 283 14.35 -13.25 0.32
C LYS A 283 15.75 -13.26 0.91
N GLU A 284 16.60 -14.17 0.41
CA GLU A 284 17.93 -14.33 0.98
C GLU A 284 18.82 -13.16 0.59
N GLY A 285 19.59 -12.70 1.56
CA GLY A 285 20.46 -11.56 1.39
C GLY A 285 19.89 -10.33 2.06
N SER A 286 18.61 -10.36 2.38
CA SER A 286 17.91 -9.25 2.98
C SER A 286 18.44 -8.99 4.38
N HIS A 287 18.37 -7.73 4.80
CA HIS A 287 18.79 -7.32 6.13
C HIS A 287 17.61 -7.39 7.10
N ALA A 288 17.88 -7.89 8.31
CA ALA A 288 16.79 -8.04 9.27
C ALA A 288 16.33 -6.70 9.79
N GLY A 289 17.06 -5.62 9.51
CA GLY A 289 16.63 -4.29 9.87
C GLY A 289 15.62 -3.70 8.92
N CYS A 290 15.48 -4.27 7.71
CA CYS A 290 14.59 -3.74 6.68
C CYS A 290 13.12 -3.99 7.02
N PRO A 291 12.21 -3.31 6.32
CA PRO A 291 10.78 -3.61 6.47
C PRO A 291 10.44 -4.94 5.80
N ARG A 292 9.19 -5.37 5.95
CA ARG A 292 8.78 -6.68 5.43
C ARG A 292 8.92 -6.81 3.91
N MET A 293 8.61 -5.76 3.14
CA MET A 293 8.65 -5.90 1.68
C MET A 293 10.05 -6.24 1.14
N CYS A 294 11.10 -5.88 1.87
CA CYS A 294 12.45 -6.19 1.43
C CYS A 294 12.90 -7.58 1.83
N LYS A 295 12.23 -8.20 2.78
CA LYS A 295 12.66 -9.48 3.33
C LYS A 295 11.91 -10.67 2.77
N VAL A 296 10.77 -10.47 2.12
CA VAL A 296 9.99 -11.58 1.60
C VAL A 296 9.63 -11.29 0.15
N SER A 297 9.22 -12.34 -0.55
CA SER A 297 8.79 -12.21 -1.93
C SER A 297 7.73 -13.27 -2.18
N PHE A 298 6.89 -13.03 -3.18
CA PHE A 298 5.88 -14.01 -3.52
C PHE A 298 6.55 -15.19 -4.21
N LYS A 299 6.08 -16.38 -3.96
CA LYS A 299 6.60 -17.52 -4.68
C LYS A 299 6.05 -17.48 -6.09
N ARG A 300 6.81 -17.97 -7.04
CA ARG A 300 6.37 -17.99 -8.43
C ARG A 300 5.42 -19.17 -8.61
N THR A 301 4.37 -18.96 -9.38
CA THR A 301 3.43 -20.02 -9.74
C THR A 301 3.37 -20.10 -11.26
N GLU A 302 2.48 -20.94 -11.78
CA GLU A 302 2.38 -21.06 -13.23
C GLU A 302 1.59 -19.91 -13.85
N MET A 303 1.14 -18.95 -13.05
CA MET A 303 0.41 -17.80 -13.54
C MET A 303 1.10 -16.51 -13.15
N LYS A 304 0.68 -15.41 -13.78
CA LYS A 304 1.26 -14.09 -13.50
C LYS A 304 0.96 -13.65 -12.06
N GLY A 305 -0.20 -14.06 -11.53
CA GLY A 305 -0.54 -13.78 -10.15
C GLY A 305 -1.32 -14.96 -9.62
N PHE A 306 -1.55 -14.97 -8.31
CA PHE A 306 -2.33 -16.06 -7.73
C PHE A 306 -3.81 -15.88 -8.07
N THR A 307 -4.52 -16.98 -8.27
CA THR A 307 -5.93 -16.84 -8.54
C THR A 307 -6.69 -16.69 -7.22
N LEU A 308 -7.88 -16.09 -7.30
CA LEU A 308 -8.71 -15.97 -6.11
C LEU A 308 -9.07 -17.35 -5.57
N GLU A 309 -9.32 -18.28 -6.47
CA GLU A 309 -9.69 -19.61 -6.03
C GLU A 309 -8.55 -20.24 -5.23
N GLN A 310 -7.29 -20.03 -5.67
CA GLN A 310 -6.12 -20.49 -4.92
C GLN A 310 -6.07 -19.87 -3.52
N ILE A 311 -6.20 -18.54 -3.44
CA ILE A 311 -6.22 -17.90 -2.12
C ILE A 311 -7.35 -18.46 -1.26
N ASN A 312 -8.56 -18.54 -1.82
CA ASN A 312 -9.70 -19.05 -1.07
C ASN A 312 -9.46 -20.48 -0.60
N HIS A 313 -8.90 -21.33 -1.46
CA HIS A 313 -8.67 -22.73 -1.09
C HIS A 313 -7.61 -22.86 0.00
N VAL A 314 -6.52 -22.08 -0.07
CA VAL A 314 -5.48 -22.16 0.97
C VAL A 314 -6.01 -21.55 2.26
N LEU A 315 -6.98 -20.64 2.15
CA LEU A 315 -7.58 -20.08 3.35
C LEU A 315 -8.28 -21.18 4.14
N GLY A 316 -8.91 -22.12 3.43
CA GLY A 316 -9.52 -23.29 4.01
C GLY A 316 -10.39 -23.05 5.22
N THR A 317 -10.02 -23.66 6.35
CA THR A 317 -10.75 -23.50 7.61
C THR A 317 -9.84 -22.91 8.69
N THR A 318 -8.72 -22.28 8.31
CA THR A 318 -7.76 -21.84 9.31
C THR A 318 -8.31 -20.77 10.25
N GLU A 319 -7.89 -20.87 11.51
CA GLU A 319 -8.30 -19.95 12.54
C GLU A 319 -7.09 -19.23 13.08
N VAL A 320 -5.92 -19.49 12.50
CA VAL A 320 -4.64 -18.88 12.91
C VAL A 320 -4.47 -17.60 12.09
N ILE A 321 -4.94 -16.48 12.65
CA ILE A 321 -4.86 -15.18 11.98
C ILE A 321 -4.53 -14.10 12.99
N GLU A 322 -3.51 -13.28 12.69
CA GLU A 322 -3.15 -12.17 13.57
C GLU A 322 -4.01 -10.96 13.21
N SER A 323 -4.66 -10.37 14.22
CA SER A 323 -5.44 -9.17 13.92
C SER A 323 -4.52 -8.00 13.59
N ILE A 324 -3.51 -7.78 14.42
CA ILE A 324 -2.53 -6.73 14.21
C ILE A 324 -1.19 -7.42 14.00
N ILE A 325 -0.63 -7.31 12.78
CA ILE A 325 0.60 -8.04 12.50
C ILE A 325 1.68 -7.61 13.47
N ARG A 326 2.32 -8.58 14.09
CA ARG A 326 3.27 -8.28 15.15
C ARG A 326 4.68 -8.08 14.62
N GLU A 327 5.33 -7.03 15.10
CA GLU A 327 6.71 -6.74 14.74
C GLU A 327 7.63 -7.74 15.42
N LYS A 328 8.80 -7.90 14.84
CA LYS A 328 9.79 -8.77 15.41
C LYS A 328 10.86 -7.88 16.05
N ALA A 329 11.66 -8.45 16.94
CA ALA A 329 12.69 -7.68 17.63
C ALA A 329 13.59 -6.90 16.67
N GLU A 330 14.03 -7.55 15.58
CA GLU A 330 14.91 -6.86 14.64
C GLU A 330 14.25 -5.68 13.96
N GLU A 331 12.94 -5.51 14.10
CA GLU A 331 12.22 -4.44 13.43
C GLU A 331 11.81 -3.34 14.39
N VAL A 332 12.07 -3.49 15.68
CA VAL A 332 11.61 -2.49 16.65
C VAL A 332 12.33 -1.17 16.39
N PRO A 333 13.67 -1.15 16.18
CA PRO A 333 14.32 0.13 15.86
C PRO A 333 13.74 0.82 14.63
N LEU A 334 13.48 0.06 13.57
CA LEU A 334 12.90 0.67 12.37
C LEU A 334 11.56 1.34 12.67
N LEU A 335 10.64 0.61 13.32
CA LEU A 335 9.33 1.18 13.59
C LEU A 335 9.43 2.42 14.45
N ALA A 336 10.31 2.39 15.45
CA ALA A 336 10.54 3.55 16.29
C ALA A 336 11.04 4.72 15.46
N GLU A 337 11.86 4.42 14.44
CA GLU A 337 12.36 5.49 13.60
C GLU A 337 11.32 6.06 12.63
N ILE A 338 10.34 5.28 12.17
CA ILE A 338 9.44 5.78 11.12
C ILE A 338 8.00 5.97 11.58
N THR A 339 7.68 5.79 12.86
CA THR A 339 6.32 6.00 13.34
C THR A 339 6.35 6.90 14.55
N GLY A 340 5.20 7.47 14.86
CA GLY A 340 5.07 8.27 16.06
C GLY A 340 4.87 7.36 17.27
N VAL A 341 4.69 7.99 18.42
CA VAL A 341 4.54 7.22 19.66
C VAL A 341 3.08 6.88 19.92
N GLU A 342 2.18 7.83 19.77
CA GLU A 342 0.77 7.61 20.01
C GLU A 342 0.02 7.64 18.69
N ASP A 343 -1.12 6.94 18.66
CA ASP A 343 -1.93 6.90 17.46
C ASP A 343 -2.65 8.25 17.28
N ASP A 344 -2.87 8.62 16.03
CA ASP A 344 -3.56 9.87 15.74
C ASP A 344 -5.03 9.75 16.13
N VAL A 345 -5.64 10.90 16.44
CA VAL A 345 -7.04 10.94 16.83
C VAL A 345 -7.93 10.59 15.63
N ASP A 346 -8.99 9.85 15.88
CA ASP A 346 -9.91 9.39 14.84
C ASP A 346 -11.32 9.51 15.39
N LYS A 347 -12.29 9.18 14.55
CA LYS A 347 -13.69 9.20 14.97
C LYS A 347 -13.96 8.16 16.06
N HIS A 348 -14.93 8.45 16.92
CA HIS A 348 -15.25 7.56 18.03
C HIS A 348 -15.83 6.26 17.48
N ASP A 349 -15.29 5.11 17.94
CA ASP A 349 -15.66 3.82 17.32
C ASP A 349 -15.76 2.77 18.42
N VAL A 350 -16.97 2.58 18.96
CA VAL A 350 -17.13 1.66 20.08
C VAL A 350 -16.84 0.21 19.66
N VAL A 351 -17.08 -0.14 18.39
CA VAL A 351 -16.82 -1.50 17.94
C VAL A 351 -15.31 -1.77 17.90
N VAL A 352 -14.56 -0.90 17.22
CA VAL A 352 -13.10 -1.03 17.19
C VAL A 352 -12.50 -0.90 18.59
N ASP A 353 -13.08 -0.04 19.43
CA ASP A 353 -12.64 0.06 20.82
C ASP A 353 -12.70 -1.30 21.52
N SER A 354 -13.84 -2.01 21.36
CA SER A 354 -13.99 -3.33 21.97
C SER A 354 -12.96 -4.32 21.43
N TRP A 355 -12.59 -4.19 20.14
CA TRP A 355 -11.54 -5.05 19.60
C TRP A 355 -10.20 -4.75 20.25
N MET A 356 -9.83 -3.47 20.32
CA MET A 356 -8.53 -3.16 20.91
C MET A 356 -8.49 -3.50 22.39
N LYS A 357 -9.64 -3.43 23.08
CA LYS A 357 -9.67 -3.85 24.47
C LYS A 357 -9.34 -5.35 24.58
N ARG A 358 -10.09 -6.18 23.85
CA ARG A 358 -9.86 -7.62 23.93
C ARG A 358 -8.45 -7.99 23.46
N LEU A 359 -7.94 -7.32 22.43
CA LEU A 359 -6.58 -7.63 21.98
C LEU A 359 -5.58 -7.20 23.03
N GLY A 360 -5.81 -6.03 23.64
CA GLY A 360 -4.93 -5.55 24.70
C GLY A 360 -4.85 -6.51 25.88
N GLN A 361 -5.92 -7.25 26.17
CA GLN A 361 -5.90 -8.22 27.25
C GLN A 361 -5.19 -9.51 26.86
N GLY A 362 -4.76 -9.66 25.62
CA GLY A 362 -4.03 -10.84 25.22
C GLY A 362 -4.92 -11.91 24.63
N ARG A 363 -6.16 -11.59 24.30
CA ARG A 363 -7.12 -12.54 23.77
C ARG A 363 -7.27 -12.31 22.28
N GLU A 364 -7.73 -13.33 21.58
CA GLU A 364 -7.96 -13.24 20.16
C GLU A 364 -9.43 -12.94 19.89
N ILE A 365 -9.72 -12.60 18.64
CA ILE A 365 -11.06 -12.23 18.19
C ILE A 365 -11.44 -13.14 17.03
N ARG A 366 -12.59 -13.80 17.15
CA ARG A 366 -13.09 -14.61 16.04
CA ARG A 366 -13.09 -14.62 16.05
C ARG A 366 -14.60 -14.78 16.20
N PHE A 367 -15.37 -14.18 15.31
CA PHE A 367 -16.82 -14.28 15.34
C PHE A 367 -17.18 -15.60 14.68
N GLU A 368 -17.70 -16.55 15.47
CA GLU A 368 -17.96 -17.90 14.97
C GLU A 368 -18.88 -17.92 13.76
N GLU A 369 -19.93 -17.12 13.79
CA GLU A 369 -20.88 -17.12 12.70
C GLU A 369 -20.27 -16.58 11.40
N VAL A 370 -19.52 -15.50 11.53
CA VAL A 370 -18.86 -14.94 10.37
C VAL A 370 -17.87 -15.96 9.80
N TYR A 371 -17.10 -16.60 10.68
CA TYR A 371 -16.17 -17.66 10.28
C TYR A 371 -16.89 -18.75 9.47
N ASN A 372 -18.05 -19.17 9.96
CA ASN A 372 -18.80 -20.23 9.28
C ASN A 372 -19.27 -19.78 7.90
N GLU A 373 -19.76 -18.54 7.79
CA GLU A 373 -20.19 -18.04 6.49
C GLU A 373 -19.02 -17.94 5.51
N ASP A 374 -17.85 -17.51 6.00
CA ASP A 374 -16.69 -17.41 5.13
C ASP A 374 -16.31 -18.80 4.61
N VAL A 375 -16.21 -19.77 5.52
CA VAL A 375 -15.85 -21.14 5.15
C VAL A 375 -16.88 -21.73 4.20
N HIS A 376 -18.17 -21.59 4.52
CA HIS A 376 -19.20 -22.12 3.62
C HIS A 376 -19.10 -21.49 2.23
N ALA A 377 -18.99 -20.16 2.18
CA ALA A 377 -18.97 -19.46 0.90
C ALA A 377 -17.80 -19.90 0.02
N ARG A 378 -16.67 -20.22 0.63
CA ARG A 378 -15.48 -20.58 -0.13
C ARG A 378 -15.35 -22.07 -0.40
N MET A 379 -15.89 -22.95 0.44
CA MET A 379 -15.58 -24.35 0.26
C MET A 379 -16.74 -25.29 0.05
N GLU A 380 -17.99 -24.85 0.24
CA GLU A 380 -19.09 -25.81 0.22
C GLU A 380 -20.28 -25.43 -0.65
N ALA A 381 -20.17 -24.45 -1.53
CA ALA A 381 -21.29 -24.11 -2.39
C ALA A 381 -20.82 -23.63 -3.76
#